data_5WC5
#
_entry.id   5WC5
#
_cell.length_a   76.994
_cell.length_b   66.015
_cell.length_c   65.298
_cell.angle_alpha   90.000
_cell.angle_beta   93.760
_cell.angle_gamma   90.000
#
_symmetry.space_group_name_H-M   'C 1 2 1'
#
loop_
_entity.id
_entity.type
_entity.pdbx_description
1 polymer 'Small conductance calcium-activated potassium channel protein 2'
2 polymer Calmodulin-1
3 non-polymer 'SULFATE ION'
4 non-polymer GLYCEROL
5 non-polymer 'CALCIUM ION'
6 non-polymer 7-fluoro-3-(hydroxyamino)-2H-indol-2-one
7 water water
#
loop_
_entity_poly.entity_id
_entity_poly.type
_entity_poly.pdbx_seq_one_letter_code
_entity_poly.pdbx_strand_id
1 'polypeptide(L)'
;GRKLELTKAEKHVHAFMMDTQLTKRVKNAAANVLRETWLIYKNTKLVKKIDHAKVRKHQRKFLQAIHQLRSVKMEQRKLN
DQANTLVDLAKTQLE
;
B
2 'polypeptide(L)'
;AALTEEQIAEFKEAFSLFDKDGDGTITTKELGTVMRSLGQNPTEAELQDMINEVDADGNGTIDFPEFLTMMARKMKDTDS
EEEIREAFRVFDKDGNGYISAAELRHVMTNLGEKLTDEEVDEMIREADIDGDGQVNYEEFVQMMTA
;
R
#
# COMPACT_ATOMS: atom_id res chain seq x y z
N GLY A 1 5.88 11.09 -19.42
CA GLY A 1 4.93 10.07 -19.01
C GLY A 1 4.38 10.28 -17.62
N ARG A 2 4.38 9.21 -16.82
CA ARG A 2 3.81 9.29 -15.48
C ARG A 2 4.77 9.95 -14.47
N LYS A 3 6.05 10.06 -14.82
CA LYS A 3 7.08 10.66 -13.96
C LYS A 3 6.84 10.04 -12.58
N LEU A 4 6.75 10.85 -11.53
CA LEU A 4 6.63 10.34 -10.17
C LEU A 4 5.27 9.93 -9.63
N GLU A 5 4.26 9.86 -10.50
CA GLU A 5 2.93 9.49 -10.04
C GLU A 5 2.85 7.98 -9.84
N LEU A 6 1.93 7.57 -8.97
CA LEU A 6 1.69 6.17 -8.67
C LEU A 6 0.19 5.94 -8.64
N THR A 7 -0.19 4.67 -8.75
CA THR A 7 -1.59 4.26 -8.74
C THR A 7 -2.32 4.85 -7.55
N LYS A 8 -3.50 5.42 -7.82
CA LYS A 8 -4.30 6.04 -6.77
C LYS A 8 -5.05 4.99 -5.96
N ALA A 9 -4.93 5.06 -4.64
CA ALA A 9 -5.62 4.15 -3.76
C ALA A 9 -7.11 4.47 -3.74
N GLU A 10 -7.92 3.41 -3.73
CA GLU A 10 -9.37 3.51 -3.74
C GLU A 10 -9.85 4.44 -2.64
N LYS A 11 -11.00 5.09 -2.90
CA LYS A 11 -11.58 6.08 -2.00
C LYS A 11 -11.59 5.62 -0.55
N HIS A 12 -12.45 4.66 -0.24
CA HIS A 12 -12.47 4.03 1.07
C HIS A 12 -12.29 2.52 0.92
N VAL A 13 -11.86 1.96 2.06
CA VAL A 13 -11.59 0.53 2.26
C VAL A 13 -12.92 -0.15 2.18
N HIS A 14 -12.86 -0.91 1.13
CA HIS A 14 -13.86 -1.69 0.40
C HIS A 14 -13.39 -3.11 0.08
N ALA A 15 -12.16 -3.44 -0.30
CA ALA A 15 -11.88 -4.79 -0.94
C ALA A 15 -11.55 -6.22 -0.36
N PHE A 16 -11.40 -7.24 -1.21
CA PHE A 16 -10.77 -8.44 -0.67
C PHE A 16 -11.65 -9.21 0.31
N MET A 17 -12.95 -8.92 0.36
CA MET A 17 -13.88 -9.73 1.14
C MET A 17 -14.23 -11.04 0.44
N MET A 18 -13.70 -11.28 -0.75
CA MET A 18 -13.70 -12.61 -1.34
C MET A 18 -12.83 -13.57 -0.53
N ASP A 19 -11.94 -13.05 0.32
CA ASP A 19 -11.03 -13.87 1.11
C ASP A 19 -11.77 -14.96 1.88
N THR A 20 -13.03 -14.73 2.22
CA THR A 20 -13.87 -15.63 3.02
C THR A 20 -13.38 -16.00 4.43
N GLN A 21 -12.15 -15.59 4.79
CA GLN A 21 -11.68 -15.85 6.15
C GLN A 21 -11.83 -14.42 6.67
N LEU A 22 -11.40 -13.42 5.88
CA LEU A 22 -11.64 -12.04 6.28
C LEU A 22 -13.14 -11.78 6.44
N THR A 23 -13.95 -12.34 5.55
CA THR A 23 -15.39 -12.09 5.61
C THR A 23 -16.02 -12.75 6.82
N LYS A 24 -15.61 -13.99 7.12
CA LYS A 24 -16.05 -14.62 8.36
C LYS A 24 -15.61 -13.81 9.57
N ARG A 25 -14.37 -13.31 9.57
CA ARG A 25 -13.89 -12.48 10.68
C ARG A 25 -14.73 -11.20 10.85
N VAL A 26 -15.02 -10.50 9.75
CA VAL A 26 -15.85 -9.29 9.85
C VAL A 26 -17.22 -9.63 10.41
N LYS A 27 -17.87 -10.65 9.86
CA LYS A 27 -19.23 -10.99 10.28
C LYS A 27 -19.28 -11.33 11.76
N ASN A 28 -18.33 -12.11 12.24
CA ASN A 28 -18.37 -12.56 13.63
C ASN A 28 -18.02 -11.42 14.57
N ALA A 29 -16.95 -10.68 14.26
CA ALA A 29 -16.54 -9.58 15.12
C ALA A 29 -17.59 -8.47 15.13
N ALA A 30 -18.16 -8.13 13.96
CA ALA A 30 -19.16 -7.07 13.92
C ALA A 30 -20.38 -7.45 14.74
N ALA A 31 -20.86 -8.70 14.60
CA ALA A 31 -21.99 -9.14 15.42
C ALA A 31 -21.64 -9.05 16.89
N ASN A 32 -20.39 -9.37 17.25
CA ASN A 32 -19.96 -9.28 18.64
C ASN A 32 -19.86 -7.83 19.12
N VAL A 33 -19.51 -6.89 18.24
CA VAL A 33 -19.61 -5.47 18.61
C VAL A 33 -21.06 -5.11 18.92
N LEU A 34 -21.97 -5.56 18.06
CA LEU A 34 -23.40 -5.33 18.30
C LEU A 34 -23.82 -5.95 19.62
N ARG A 35 -23.34 -7.17 19.90
CA ARG A 35 -23.74 -7.90 21.09
C ARG A 35 -23.26 -7.19 22.36
N GLU A 36 -21.98 -6.79 22.38
CA GLU A 36 -21.44 -6.22 23.60
C GLU A 36 -21.83 -4.76 23.79
N THR A 37 -22.07 -4.03 22.70
CA THR A 37 -22.61 -2.68 22.85
C THR A 37 -23.98 -2.73 23.49
N TRP A 38 -24.86 -3.59 22.97
CA TRP A 38 -26.15 -3.75 23.60
C TRP A 38 -26.01 -4.13 25.07
N LEU A 39 -25.19 -5.15 25.36
CA LEU A 39 -25.09 -5.68 26.72
C LEU A 39 -24.47 -4.67 27.69
N ILE A 40 -23.49 -3.89 27.22
CA ILE A 40 -22.93 -2.85 28.08
C ILE A 40 -23.95 -1.76 28.34
N TYR A 41 -24.67 -1.35 27.30
CA TYR A 41 -25.69 -0.31 27.45
C TYR A 41 -26.77 -0.76 28.42
N LYS A 42 -27.29 -1.97 28.23
CA LYS A 42 -28.30 -2.49 29.14
C LYS A 42 -27.80 -2.53 30.58
N ASN A 43 -26.57 -2.98 30.80
CA ASN A 43 -26.05 -3.15 32.15
C ASN A 43 -25.58 -1.85 32.79
N THR A 44 -25.59 -0.74 32.05
CA THR A 44 -25.28 0.57 32.62
C THR A 44 -26.45 1.54 32.59
N LYS A 45 -27.42 1.38 31.69
CA LYS A 45 -28.48 2.36 31.57
C LYS A 45 -29.89 1.79 31.73
N LEU A 46 -30.09 0.50 31.57
CA LEU A 46 -31.41 -0.08 31.69
C LEU A 46 -31.57 -0.96 32.92
N VAL A 47 -30.61 -0.96 33.83
CA VAL A 47 -30.74 -1.70 35.07
C VAL A 47 -30.87 -0.71 36.21
N LYS A 48 -31.56 -1.13 37.27
CA LYS A 48 -31.68 -0.35 38.50
C LYS A 48 -30.41 -0.44 39.36
N LYS A 49 -29.39 -1.12 38.86
CA LYS A 49 -28.57 -2.02 39.66
C LYS A 49 -27.24 -2.37 38.98
N ILE A 50 -26.34 -1.41 38.78
CA ILE A 50 -25.18 -1.68 37.92
C ILE A 50 -24.32 -2.76 38.55
N ASP A 51 -24.22 -3.89 37.84
CA ASP A 51 -23.36 -5.01 38.24
C ASP A 51 -22.03 -4.81 37.52
N HIS A 52 -21.04 -4.32 38.26
CA HIS A 52 -19.78 -3.92 37.65
C HIS A 52 -18.99 -5.09 37.09
N ALA A 53 -19.14 -6.30 37.64
CA ALA A 53 -18.48 -7.45 37.04
C ALA A 53 -19.07 -7.78 35.68
N LYS A 54 -20.41 -7.80 35.57
CA LYS A 54 -21.04 -7.93 34.26
C LYS A 54 -20.50 -6.89 33.30
N VAL A 55 -20.25 -5.67 33.79
CA VAL A 55 -19.85 -4.60 32.88
C VAL A 55 -18.43 -4.81 32.44
N ARG A 56 -17.56 -5.22 33.36
CA ARG A 56 -16.19 -5.52 32.99
C ARG A 56 -16.14 -6.64 31.97
N LYS A 57 -16.95 -7.68 32.15
CA LYS A 57 -16.90 -8.80 31.22
C LYS A 57 -17.24 -8.34 29.80
N HIS A 58 -18.32 -7.58 29.66
CA HIS A 58 -18.73 -7.16 28.33
C HIS A 58 -17.84 -6.06 27.78
N GLN A 59 -17.26 -5.26 28.65
CA GLN A 59 -16.22 -4.33 28.21
C GLN A 59 -15.04 -5.07 27.58
N ARG A 60 -14.66 -6.20 28.17
CA ARG A 60 -13.56 -6.99 27.62
C ARG A 60 -13.95 -7.59 26.27
N LYS A 61 -15.15 -8.17 26.19
CA LYS A 61 -15.59 -8.72 24.91
C LYS A 61 -15.83 -7.62 23.88
N PHE A 62 -16.19 -6.42 24.32
CA PHE A 62 -16.39 -5.29 23.41
C PHE A 62 -15.05 -4.85 22.80
N LEU A 63 -14.04 -4.59 23.63
CA LEU A 63 -12.77 -4.15 23.06
C LEU A 63 -12.18 -5.22 22.15
N GLN A 64 -12.38 -6.48 22.49
CA GLN A 64 -11.87 -7.56 21.66
C GLN A 64 -12.51 -7.53 20.28
N ALA A 65 -13.84 -7.38 20.22
CA ALA A 65 -14.51 -7.34 18.93
C ALA A 65 -14.16 -6.07 18.15
N ILE A 66 -14.04 -4.93 18.84
CA ILE A 66 -13.70 -3.69 18.13
C ILE A 66 -12.32 -3.82 17.50
N HIS A 67 -11.36 -4.33 18.26
CA HIS A 67 -10.00 -4.42 17.75
C HIS A 67 -9.88 -5.50 16.67
N GLN A 68 -10.70 -6.55 16.74
CA GLN A 68 -10.77 -7.51 15.63
C GLN A 68 -11.17 -6.82 14.33
N LEU A 69 -12.20 -5.97 14.40
CA LEU A 69 -12.60 -5.20 13.21
C LEU A 69 -11.46 -4.29 12.73
N ARG A 70 -10.82 -3.57 13.66
CA ARG A 70 -9.65 -2.78 13.29
C ARG A 70 -8.63 -3.65 12.56
N SER A 71 -8.39 -4.85 13.08
CA SER A 71 -7.37 -5.75 12.56
C SER A 71 -7.71 -6.17 11.12
N VAL A 72 -8.99 -6.47 10.87
CA VAL A 72 -9.40 -6.79 9.50
C VAL A 72 -9.18 -5.60 8.57
N LYS A 73 -9.55 -4.40 9.04
CA LYS A 73 -9.48 -3.22 8.19
C LYS A 73 -8.04 -2.91 7.80
N MET A 74 -7.12 -3.01 8.75
CA MET A 74 -5.69 -2.83 8.45
C MET A 74 -5.19 -3.90 7.48
N GLU A 75 -5.64 -5.15 7.66
CA GLU A 75 -5.27 -6.21 6.72
C GLU A 75 -5.77 -5.88 5.32
N GLN A 76 -6.99 -5.34 5.20
CA GLN A 76 -7.46 -4.95 3.88
C GLN A 76 -6.61 -3.83 3.31
N ARG A 77 -6.18 -2.89 4.15
CA ARG A 77 -5.33 -1.82 3.65
C ARG A 77 -4.01 -2.36 3.16
N LYS A 78 -3.44 -3.33 3.89
CA LYS A 78 -2.20 -3.96 3.47
C LYS A 78 -2.39 -4.68 2.13
N LEU A 79 -3.49 -5.44 2.00
CA LEU A 79 -3.73 -6.12 0.73
C LEU A 79 -3.87 -5.14 -0.43
N ASN A 80 -4.56 -4.03 -0.19
CA ASN A 80 -4.73 -3.03 -1.24
C ASN A 80 -3.41 -2.42 -1.67
N ASP A 81 -2.54 -2.10 -0.71
CA ASP A 81 -1.27 -1.55 -1.15
C ASP A 81 -0.37 -2.59 -1.79
N GLN A 82 -0.48 -3.87 -1.39
CA GLN A 82 0.25 -4.93 -2.08
C GLN A 82 -0.20 -5.00 -3.54
N ALA A 83 -1.51 -4.98 -3.77
CA ALA A 83 -2.01 -5.03 -5.13
C ALA A 83 -1.62 -3.79 -5.93
N ASN A 84 -1.66 -2.60 -5.30
CA ASN A 84 -1.22 -1.40 -5.99
C ASN A 84 0.27 -1.41 -6.28
N THR A 85 1.06 -2.12 -5.47
CA THR A 85 2.47 -2.33 -5.78
C THR A 85 2.63 -3.05 -7.10
N LEU A 86 1.83 -4.10 -7.32
CA LEU A 86 1.90 -4.86 -8.56
C LEU A 86 1.39 -4.04 -9.75
N VAL A 87 0.34 -3.25 -9.54
CA VAL A 87 -0.15 -2.39 -10.62
C VAL A 87 0.91 -1.36 -10.99
N ASP A 88 1.52 -0.74 -9.98
CA ASP A 88 2.60 0.22 -10.20
C ASP A 88 3.76 -0.43 -10.96
N LEU A 89 4.11 -1.67 -10.61
CA LEU A 89 5.22 -2.31 -11.32
C LEU A 89 4.89 -2.50 -12.78
N ALA A 90 3.65 -2.93 -13.07
CA ALA A 90 3.26 -3.16 -14.46
C ALA A 90 3.12 -1.86 -15.24
N LYS A 91 2.72 -0.76 -14.57
CA LYS A 91 2.59 0.53 -15.23
C LYS A 91 3.93 1.11 -15.66
N THR A 92 5.06 0.58 -15.17
CA THR A 92 6.36 1.06 -15.65
C THR A 92 6.60 0.71 -17.11
N GLN A 93 5.88 -0.27 -17.67
CA GLN A 93 6.01 -0.59 -19.08
C GLN A 93 5.27 0.39 -19.99
N LEU A 94 4.47 1.29 -19.41
CA LEU A 94 3.83 2.34 -20.21
C LEU A 94 4.83 3.42 -20.63
N GLU A 95 5.89 3.61 -19.85
CA GLU A 95 6.97 4.57 -20.15
C GLU A 95 7.71 4.26 -21.45
N ALA B 1 -12.30 2.36 -17.64
CA ALA B 1 -11.62 1.17 -18.16
C ALA B 1 -11.71 1.11 -19.67
N ALA B 2 -10.69 1.64 -20.35
CA ALA B 2 -10.66 1.64 -21.81
C ALA B 2 -9.19 1.64 -22.21
N LEU B 3 -8.61 0.45 -22.29
CA LEU B 3 -7.19 0.34 -22.63
C LEU B 3 -6.98 0.60 -24.11
N THR B 4 -6.10 1.54 -24.42
CA THR B 4 -5.71 1.72 -25.80
C THR B 4 -5.00 0.48 -26.31
N GLU B 5 -4.89 0.39 -27.63
CA GLU B 5 -4.10 -0.68 -28.23
C GLU B 5 -2.66 -0.63 -27.74
N GLU B 6 -2.12 0.57 -27.57
CA GLU B 6 -0.74 0.70 -27.11
C GLU B 6 -0.56 0.13 -25.71
N GLN B 7 -1.45 0.52 -24.79
CA GLN B 7 -1.32 0.04 -23.41
C GLN B 7 -1.50 -1.47 -23.34
N ILE B 8 -2.41 -2.02 -24.14
CA ILE B 8 -2.60 -3.46 -24.21
C ILE B 8 -1.29 -4.15 -24.59
N ALA B 9 -0.57 -3.59 -25.56
CA ALA B 9 0.69 -4.18 -26.00
C ALA B 9 1.77 -4.06 -24.94
N GLU B 10 1.92 -2.89 -24.31
CA GLU B 10 3.00 -2.79 -23.32
C GLU B 10 2.67 -3.53 -22.02
N PHE B 11 1.39 -3.73 -21.70
CA PHE B 11 1.04 -4.61 -20.57
C PHE B 11 1.38 -6.07 -20.85
N LYS B 12 1.51 -6.46 -22.12
CA LYS B 12 2.03 -7.79 -22.41
C LYS B 12 3.48 -7.91 -21.95
N GLU B 13 4.32 -6.93 -22.30
CA GLU B 13 5.66 -6.91 -21.73
C GLU B 13 5.61 -6.89 -20.21
N ALA B 14 4.62 -6.20 -19.64
CA ALA B 14 4.47 -6.16 -18.19
C ALA B 14 4.14 -7.53 -17.61
N PHE B 15 3.40 -8.37 -18.34
CA PHE B 15 3.07 -9.70 -17.85
C PHE B 15 4.33 -10.48 -17.50
N SER B 16 5.40 -10.30 -18.28
CA SER B 16 6.60 -11.11 -18.13
C SER B 16 7.35 -10.80 -16.84
N LEU B 17 7.20 -9.59 -16.31
CA LEU B 17 7.77 -9.29 -15.00
C LEU B 17 7.21 -10.23 -13.93
N PHE B 18 5.97 -10.67 -14.09
CA PHE B 18 5.30 -11.51 -13.11
C PHE B 18 5.41 -12.99 -13.44
N ASP B 19 5.17 -13.34 -14.70
CA ASP B 19 5.21 -14.72 -15.20
C ASP B 19 6.68 -15.14 -15.33
N LYS B 20 7.28 -15.51 -14.19
CA LYS B 20 8.74 -15.66 -14.13
C LYS B 20 9.25 -16.81 -15.00
N ASP B 21 8.43 -17.83 -15.26
CA ASP B 21 8.88 -18.94 -16.08
C ASP B 21 8.31 -18.91 -17.50
N GLY B 22 7.47 -17.93 -17.80
CA GLY B 22 6.97 -17.77 -19.15
C GLY B 22 5.88 -18.71 -19.58
N ASP B 23 5.33 -19.50 -18.66
CA ASP B 23 4.34 -20.51 -19.05
C ASP B 23 2.95 -19.93 -19.31
N GLY B 24 2.80 -18.61 -19.29
CA GLY B 24 1.50 -18.00 -19.56
C GLY B 24 0.63 -17.76 -18.35
N THR B 25 1.04 -18.19 -17.16
CA THR B 25 0.24 -17.98 -15.95
C THR B 25 1.13 -17.52 -14.81
N ILE B 26 0.56 -16.67 -13.96
CA ILE B 26 1.21 -16.20 -12.74
C ILE B 26 0.69 -17.01 -11.56
N THR B 27 1.60 -17.58 -10.78
CA THR B 27 1.26 -18.35 -9.58
C THR B 27 1.53 -17.53 -8.32
N THR B 28 1.00 -18.03 -7.19
CA THR B 28 1.34 -17.46 -5.90
C THR B 28 2.85 -17.46 -5.71
N LYS B 29 3.52 -18.51 -6.15
CA LYS B 29 4.96 -18.63 -5.94
C LYS B 29 5.71 -17.56 -6.71
N GLU B 30 5.30 -17.29 -7.95
CA GLU B 30 5.96 -16.25 -8.72
C GLU B 30 5.69 -14.86 -8.14
N LEU B 31 4.47 -14.62 -7.63
CA LEU B 31 4.16 -13.34 -7.00
C LEU B 31 4.93 -13.15 -5.71
N GLY B 32 5.23 -14.23 -5.00
CA GLY B 32 6.05 -14.10 -3.81
C GLY B 32 7.46 -13.67 -4.16
N THR B 33 8.02 -14.29 -5.20
CA THR B 33 9.35 -13.92 -5.68
C THR B 33 9.38 -12.46 -6.14
N VAL B 34 8.39 -12.06 -6.94
CA VAL B 34 8.32 -10.69 -7.41
C VAL B 34 8.21 -9.73 -6.24
N MET B 35 7.25 -10.00 -5.33
CA MET B 35 6.99 -9.10 -4.22
C MET B 35 8.21 -8.93 -3.33
N ARG B 36 8.90 -10.04 -3.04
CA ARG B 36 10.13 -9.97 -2.26
C ARG B 36 11.24 -9.23 -3.00
N SER B 37 11.29 -9.33 -4.33
CA SER B 37 12.29 -8.54 -5.06
C SER B 37 11.99 -7.05 -5.02
N LEU B 38 10.75 -6.68 -4.70
CA LEU B 38 10.42 -5.29 -4.41
C LEU B 38 10.51 -4.97 -2.93
N GLY B 39 11.06 -5.88 -2.13
CA GLY B 39 11.35 -5.57 -0.75
C GLY B 39 10.14 -5.68 0.16
N GLN B 40 9.14 -6.45 -0.22
CA GLN B 40 7.97 -6.70 0.60
C GLN B 40 7.94 -8.17 0.98
N ASN B 41 7.10 -8.51 1.95
CA ASN B 41 7.10 -9.86 2.52
C ASN B 41 5.67 -10.36 2.71
N PRO B 42 4.89 -10.45 1.62
CA PRO B 42 3.52 -10.97 1.74
C PRO B 42 3.52 -12.40 2.25
N THR B 43 2.55 -12.71 3.12
CA THR B 43 2.37 -14.07 3.56
C THR B 43 1.74 -14.90 2.44
N GLU B 44 1.81 -16.23 2.59
CA GLU B 44 1.14 -17.15 1.68
C GLU B 44 -0.33 -16.78 1.46
N ALA B 45 -1.06 -16.53 2.55
CA ALA B 45 -2.47 -16.16 2.43
C ALA B 45 -2.64 -14.86 1.64
N GLU B 46 -1.76 -13.89 1.85
CA GLU B 46 -1.85 -12.63 1.13
C GLU B 46 -1.60 -12.82 -0.35
N LEU B 47 -0.66 -13.71 -0.69
CA LEU B 47 -0.43 -14.06 -2.08
C LEU B 47 -1.65 -14.75 -2.68
N GLN B 48 -2.23 -15.69 -1.94
CA GLN B 48 -3.44 -16.32 -2.42
C GLN B 48 -4.53 -15.29 -2.71
N ASP B 49 -4.69 -14.30 -1.83
CA ASP B 49 -5.70 -13.27 -2.06
C ASP B 49 -5.37 -12.44 -3.30
N MET B 50 -4.09 -12.09 -3.49
CA MET B 50 -3.69 -11.40 -4.72
C MET B 50 -4.20 -12.15 -5.95
N ILE B 51 -3.85 -13.44 -6.04
CA ILE B 51 -4.27 -14.27 -7.15
C ILE B 51 -5.79 -14.34 -7.22
N ASN B 52 -6.42 -14.71 -6.10
CA ASN B 52 -7.85 -15.01 -6.12
C ASN B 52 -8.69 -13.80 -6.50
N GLU B 53 -8.20 -12.59 -6.20
CA GLU B 53 -8.95 -11.39 -6.55
C GLU B 53 -9.04 -11.20 -8.05
N VAL B 54 -8.07 -11.72 -8.80
CA VAL B 54 -7.95 -11.49 -10.23
C VAL B 54 -8.33 -12.74 -11.01
N ASP B 55 -8.21 -13.91 -10.38
CA ASP B 55 -8.46 -15.16 -11.10
C ASP B 55 -9.96 -15.30 -11.37
N ALA B 56 -10.34 -15.06 -12.62
CA ALA B 56 -11.76 -15.02 -12.96
C ALA B 56 -12.40 -16.40 -12.93
N ASP B 57 -11.70 -17.40 -13.48
CA ASP B 57 -12.29 -18.73 -13.65
C ASP B 57 -12.05 -19.65 -12.45
N GLY B 58 -11.09 -19.35 -11.59
CA GLY B 58 -10.89 -20.13 -10.39
C GLY B 58 -9.96 -21.31 -10.53
N ASN B 59 -9.04 -21.31 -11.49
CA ASN B 59 -8.05 -22.39 -11.61
C ASN B 59 -6.76 -22.11 -10.83
N GLY B 60 -6.72 -21.08 -9.99
CA GLY B 60 -5.62 -20.87 -9.10
C GLY B 60 -4.48 -20.03 -9.63
N THR B 61 -4.49 -19.66 -10.91
CA THR B 61 -3.44 -18.80 -11.46
C THR B 61 -4.09 -17.63 -12.18
N ILE B 62 -3.27 -16.64 -12.52
CA ILE B 62 -3.70 -15.48 -13.31
C ILE B 62 -3.14 -15.64 -14.71
N ASP B 63 -4.00 -15.56 -15.70
CA ASP B 63 -3.55 -15.50 -17.08
C ASP B 63 -3.63 -14.06 -17.59
N PHE B 64 -2.95 -13.81 -18.70
CA PHE B 64 -2.95 -12.45 -19.25
C PHE B 64 -4.33 -11.85 -19.41
N PRO B 65 -5.35 -12.57 -19.88
CA PRO B 65 -6.71 -12.01 -19.89
C PRO B 65 -7.16 -11.46 -18.55
N GLU B 66 -7.11 -12.27 -17.48
CA GLU B 66 -7.52 -11.76 -16.17
C GLU B 66 -6.60 -10.66 -15.69
N PHE B 67 -5.31 -10.75 -16.03
CA PHE B 67 -4.35 -9.73 -15.65
C PHE B 67 -4.70 -8.40 -16.27
N LEU B 68 -4.95 -8.40 -17.59
CA LEU B 68 -5.27 -7.17 -18.31
C LEU B 68 -6.62 -6.62 -17.88
N THR B 69 -7.57 -7.50 -17.58
CA THR B 69 -8.86 -7.04 -17.09
C THR B 69 -8.70 -6.24 -15.82
N MET B 70 -7.88 -6.74 -14.89
CA MET B 70 -7.63 -6.00 -13.65
C MET B 70 -6.96 -4.66 -13.91
N MET B 71 -5.91 -4.66 -14.74
CA MET B 71 -5.19 -3.43 -15.05
C MET B 71 -6.15 -2.33 -15.50
N ALA B 72 -7.11 -2.68 -16.37
CA ALA B 72 -8.03 -1.70 -16.92
C ALA B 72 -8.79 -0.93 -15.84
N ARG B 73 -8.99 -1.55 -14.69
CA ARG B 73 -9.75 -0.93 -13.60
C ARG B 73 -8.89 -0.11 -12.65
N LYS B 74 -7.59 0.01 -12.91
CA LYS B 74 -6.68 0.62 -11.94
C LYS B 74 -5.72 1.60 -12.58
N MET B 75 -6.09 2.14 -13.75
CA MET B 75 -5.17 3.01 -14.48
C MET B 75 -5.00 4.39 -13.84
N LYS B 76 -5.91 4.81 -12.96
CA LYS B 76 -5.85 6.16 -12.43
C LYS B 76 -4.66 6.29 -11.49
N ASP B 77 -3.88 7.34 -11.69
CA ASP B 77 -2.70 7.67 -10.89
C ASP B 77 -2.97 8.91 -10.06
N THR B 78 -2.11 9.13 -9.06
CA THR B 78 -2.17 10.36 -8.27
C THR B 78 -0.74 10.81 -7.96
N ASP B 79 -0.59 12.11 -7.74
CA ASP B 79 0.74 12.64 -7.49
C ASP B 79 1.26 12.20 -6.13
N SER B 80 2.59 12.15 -6.04
CA SER B 80 3.34 11.59 -4.92
C SER B 80 4.07 12.66 -4.13
N GLU B 81 3.75 13.94 -4.36
CA GLU B 81 4.50 15.03 -3.76
C GLU B 81 4.63 14.85 -2.25
N GLU B 82 3.54 14.48 -1.58
CA GLU B 82 3.56 14.50 -0.12
C GLU B 82 4.27 13.26 0.45
N GLU B 83 4.10 12.08 -0.17
CA GLU B 83 4.87 10.92 0.25
C GLU B 83 6.36 11.18 0.11
N ILE B 84 6.77 11.84 -0.97
CA ILE B 84 8.18 12.11 -1.16
C ILE B 84 8.66 13.10 -0.13
N ARG B 85 7.85 14.10 0.20
CA ARG B 85 8.31 15.06 1.18
C ARG B 85 8.50 14.36 2.54
N GLU B 86 7.64 13.38 2.86
CA GLU B 86 7.79 12.65 4.11
C GLU B 86 9.04 11.78 4.12
N ALA B 87 9.47 11.26 2.95
CA ALA B 87 10.73 10.53 2.89
C ALA B 87 11.90 11.45 3.23
N PHE B 88 11.89 12.68 2.72
CA PHE B 88 12.91 13.67 3.10
C PHE B 88 12.87 13.97 4.58
N ARG B 89 11.66 14.08 5.13
CA ARG B 89 11.50 14.42 6.54
C ARG B 89 12.15 13.39 7.46
N VAL B 90 12.34 12.14 7.00
CA VAL B 90 13.03 11.14 7.80
C VAL B 90 14.42 11.63 8.19
N PHE B 91 15.03 12.46 7.37
CA PHE B 91 16.38 12.93 7.59
C PHE B 91 16.42 14.36 8.14
N ASP B 92 15.25 14.94 8.40
CA ASP B 92 15.19 16.30 8.93
C ASP B 92 15.40 16.16 10.44
N LYS B 93 16.68 16.23 10.84
CA LYS B 93 17.04 15.84 12.21
C LYS B 93 16.35 16.74 13.24
N ASP B 94 16.37 18.05 13.03
CA ASP B 94 15.77 18.97 14.00
C ASP B 94 14.33 19.33 13.69
N GLY B 95 13.70 18.67 12.71
CA GLY B 95 12.32 18.99 12.36
C GLY B 95 12.08 20.45 12.07
N ASN B 96 13.00 21.10 11.33
CA ASN B 96 12.86 22.52 10.99
C ASN B 96 12.63 22.75 9.50
N GLY B 97 12.25 21.73 8.74
CA GLY B 97 12.07 21.87 7.31
C GLY B 97 13.34 21.89 6.49
N TYR B 98 14.51 21.70 7.11
CA TYR B 98 15.77 21.82 6.39
C TYR B 98 16.64 20.60 6.64
N ILE B 99 17.38 20.23 5.60
CA ILE B 99 18.49 19.29 5.66
C ILE B 99 19.68 19.99 5.03
N SER B 100 20.81 20.02 5.73
CA SER B 100 21.99 20.65 5.20
C SER B 100 22.53 19.86 4.02
N ALA B 101 23.25 20.57 3.15
CA ALA B 101 23.92 19.92 2.02
C ALA B 101 24.85 18.82 2.50
N ALA B 102 25.62 19.09 3.56
CA ALA B 102 26.53 18.09 4.07
C ALA B 102 25.78 16.85 4.57
N GLU B 103 24.65 17.05 5.27
CA GLU B 103 23.88 15.92 5.76
C GLU B 103 23.23 15.16 4.60
N LEU B 104 22.73 15.88 3.59
CA LEU B 104 22.17 15.20 2.43
C LEU B 104 23.22 14.33 1.74
N ARG B 105 24.47 14.83 1.66
CA ARG B 105 25.55 14.04 1.07
C ARG B 105 25.85 12.82 1.93
N HIS B 106 25.89 13.00 3.25
CA HIS B 106 26.07 11.89 4.16
C HIS B 106 25.00 10.82 3.95
N VAL B 107 23.73 11.23 3.95
CA VAL B 107 22.64 10.28 3.75
C VAL B 107 22.78 9.57 2.41
N MET B 108 22.93 10.33 1.33
CA MET B 108 22.89 9.75 -0.01
C MET B 108 24.11 8.88 -0.32
N THR B 109 25.24 9.06 0.37
CA THR B 109 26.41 8.24 0.09
C THR B 109 26.54 7.03 1.02
N ASN B 110 25.66 6.89 2.02
CA ASN B 110 25.77 5.79 2.97
C ASN B 110 24.51 4.95 3.13
N LEU B 111 23.33 5.46 2.83
CA LEU B 111 22.08 4.75 3.08
C LEU B 111 21.46 4.33 1.76
N GLY B 112 20.66 3.26 1.81
CA GLY B 112 20.00 2.75 0.62
C GLY B 112 20.99 2.26 -0.42
N GLU B 113 20.62 2.42 -1.69
CA GLU B 113 21.44 2.00 -2.81
C GLU B 113 22.59 2.97 -3.08
N LYS B 114 22.53 4.19 -2.54
CA LYS B 114 23.61 5.18 -2.60
C LYS B 114 23.74 5.86 -3.97
N LEU B 115 24.32 7.06 -3.95
CA LEU B 115 24.71 7.83 -5.13
C LEU B 115 26.22 8.06 -5.08
N THR B 116 26.84 8.25 -6.24
CA THR B 116 28.24 8.66 -6.25
C THR B 116 28.38 10.09 -5.75
N ASP B 117 29.58 10.44 -5.30
CA ASP B 117 29.80 11.80 -4.86
C ASP B 117 29.55 12.79 -6.00
N GLU B 118 29.88 12.40 -7.24
CA GLU B 118 29.55 13.23 -8.38
C GLU B 118 28.04 13.36 -8.56
N GLU B 119 27.30 12.27 -8.30
CA GLU B 119 25.85 12.34 -8.47
C GLU B 119 25.21 13.22 -7.40
N VAL B 120 25.69 13.13 -6.17
CA VAL B 120 25.14 13.96 -5.11
C VAL B 120 25.43 15.45 -5.36
N ASP B 121 26.55 15.76 -6.01
CA ASP B 121 26.82 17.16 -6.34
C ASP B 121 25.78 17.71 -7.28
N GLU B 122 25.40 16.94 -8.30
CA GLU B 122 24.37 17.44 -9.21
C GLU B 122 23.03 17.56 -8.49
N MET B 123 22.69 16.58 -7.65
CA MET B 123 21.49 16.66 -6.82
C MET B 123 21.47 17.93 -5.99
N ILE B 124 22.54 18.18 -5.25
CA ILE B 124 22.57 19.33 -4.35
C ILE B 124 22.55 20.62 -5.14
N ARG B 125 23.15 20.65 -6.32
CA ARG B 125 23.12 21.85 -7.15
C ARG B 125 21.67 22.26 -7.46
N GLU B 126 20.81 21.28 -7.76
CA GLU B 126 19.38 21.53 -7.95
C GLU B 126 18.66 21.76 -6.62
N ALA B 127 19.04 21.02 -5.57
CA ALA B 127 18.26 21.05 -4.33
C ALA B 127 18.51 22.33 -3.51
N ASP B 128 19.74 22.84 -3.48
CA ASP B 128 20.02 24.06 -2.71
C ASP B 128 19.67 25.28 -3.56
N ILE B 129 18.36 25.48 -3.69
CA ILE B 129 17.79 26.58 -4.49
C ILE B 129 18.43 27.90 -4.12
N ASP B 130 18.63 28.15 -2.83
CA ASP B 130 19.07 29.46 -2.38
C ASP B 130 20.59 29.58 -2.31
N GLY B 131 21.33 28.50 -2.57
CA GLY B 131 22.79 28.54 -2.44
C GLY B 131 23.28 28.82 -1.03
N ASP B 132 22.51 28.42 -0.02
CA ASP B 132 22.87 28.68 1.36
C ASP B 132 23.36 27.41 2.04
N GLY B 133 23.67 26.37 1.27
CA GLY B 133 24.12 25.11 1.83
C GLY B 133 23.05 24.35 2.57
N GLN B 134 21.79 24.78 2.49
CA GLN B 134 20.66 24.15 3.12
C GLN B 134 19.61 23.80 2.07
N VAL B 135 18.93 22.67 2.28
CA VAL B 135 17.91 22.19 1.36
C VAL B 135 16.58 22.28 2.07
N ASN B 136 15.72 23.16 1.58
CA ASN B 136 14.32 23.23 1.97
C ASN B 136 13.60 22.16 1.18
N TYR B 137 13.37 20.99 1.79
CA TYR B 137 13.01 19.85 0.95
C TYR B 137 11.56 19.93 0.46
N GLU B 138 10.69 20.62 1.19
CA GLU B 138 9.37 20.89 0.65
C GLU B 138 9.45 21.58 -0.71
N GLU B 139 10.27 22.63 -0.79
CA GLU B 139 10.40 23.40 -2.03
C GLU B 139 11.08 22.58 -3.12
N PHE B 140 12.15 21.88 -2.76
CA PHE B 140 12.82 20.96 -3.67
C PHE B 140 11.86 19.89 -4.20
N VAL B 141 11.03 19.31 -3.34
CA VAL B 141 10.11 18.27 -3.81
C VAL B 141 9.04 18.90 -4.70
N GLN B 142 8.60 20.11 -4.37
CA GLN B 142 7.63 20.79 -5.22
C GLN B 142 8.19 21.09 -6.61
N MET B 143 9.48 21.41 -6.70
CA MET B 143 10.08 21.66 -8.02
C MET B 143 10.22 20.37 -8.83
N MET B 144 10.54 19.25 -8.18
CA MET B 144 10.70 17.99 -8.92
C MET B 144 9.36 17.39 -9.34
N THR B 145 8.26 17.73 -8.67
CA THR B 145 6.94 17.20 -9.01
C THR B 145 6.08 18.21 -9.75
N ALA B 146 6.62 19.39 -10.03
CA ALA B 146 5.90 20.46 -10.71
C ALA B 146 5.45 20.05 -12.11
#